data_2VGP
#
_entry.id   2VGP
#
_cell.length_a   45.958
_cell.length_b   67.196
_cell.length_c   117.263
_cell.angle_alpha   90.00
_cell.angle_beta   96.67
_cell.angle_gamma   90.00
#
_symmetry.space_group_name_H-M   'P 1 21 1'
#
loop_
_entity.id
_entity.type
_entity.pdbx_description
1 polymer 'SERINE/THREONINE-PROTEIN KINASE 12-A'
2 polymer 'INNER CENTROMERE PROTEIN A'
3 non-polymer 4-[(5-bromo-1,3-thiazol-2-yl)amino]-N-methylbenzamide
4 water water
#
loop_
_entity_poly.entity_id
_entity_poly.type
_entity_poly.pdbx_seq_one_letter_code
_entity_poly.pdbx_strand_id
1 'polypeptide(L)'
;TALAEMPKRKFTIDDFDIGRPLGKGKFGNVYLAREKQNKFIMALKVLFKSQLEKEGVEHQLRREIEIQSHLRHPNILRMY
NYFHDRKRIYLMLEFAPRGELYKELQKHGRFDEQRSATFMEELADALHYCHERKVIHRDIKPENLLMGYKGELKIADFGW
SVHAPSLRRR(TPO)MCGTLDYLPPEMIEGKTHDEKVDLWCAGVLCYEFLVGMPPFDSPSHTETHRRIVNVDLKFPPFLS
DGSKDLISKLLRYHPPQRLPLKGVMEHPWVKANSRRVLPPVYQSTQSK
;
A,B
2 'polypeptide(L)' IPAWASGNLLTQAIRQQYYKPIDVDRMYGTIDSPKLEELFNKS C,D
#
# COMPACT_ATOMS: atom_id res chain seq x y z
N PHE A 11 -31.16 -10.92 -11.52
CA PHE A 11 -32.51 -10.29 -11.42
C PHE A 11 -33.53 -10.95 -12.36
N THR A 12 -34.80 -10.80 -12.03
CA THR A 12 -35.90 -11.12 -12.93
C THR A 12 -36.88 -9.96 -12.93
N ILE A 13 -37.84 -9.97 -13.85
CA ILE A 13 -38.83 -8.90 -13.96
C ILE A 13 -39.71 -8.78 -12.70
N ASP A 14 -39.89 -9.89 -11.99
CA ASP A 14 -40.72 -9.88 -10.79
C ASP A 14 -40.02 -9.23 -9.58
N ASP A 15 -38.74 -8.89 -9.76
CA ASP A 15 -38.00 -8.12 -8.74
C ASP A 15 -38.34 -6.63 -8.78
N PHE A 16 -39.24 -6.24 -9.71
CA PHE A 16 -39.55 -4.84 -9.97
C PHE A 16 -41.04 -4.53 -10.02
N ASP A 17 -41.42 -3.40 -9.43
CA ASP A 17 -42.73 -2.80 -9.64
C ASP A 17 -42.67 -1.92 -10.88
N ILE A 18 -43.51 -2.24 -11.86
CA ILE A 18 -43.59 -1.43 -13.07
C ILE A 18 -44.53 -0.27 -12.84
N GLY A 19 -44.01 0.95 -13.02
CA GLY A 19 -44.76 2.16 -12.75
C GLY A 19 -45.55 2.69 -13.94
N ARG A 20 -44.86 2.93 -15.05
CA ARG A 20 -45.47 3.48 -16.26
C ARG A 20 -44.44 3.54 -17.40
N PRO A 21 -44.90 3.51 -18.66
CA PRO A 21 -43.98 3.72 -19.79
C PRO A 21 -43.42 5.15 -19.82
N LEU A 22 -42.12 5.26 -20.11
CA LEU A 22 -41.45 6.56 -20.21
C LEU A 22 -41.26 6.96 -21.66
N GLY A 23 -40.99 5.97 -22.50
CA GLY A 23 -40.73 6.19 -23.92
C GLY A 23 -40.99 4.93 -24.72
N LYS A 24 -41.53 5.12 -25.92
CA LYS A 24 -41.80 4.03 -26.85
C LYS A 24 -40.68 3.98 -27.89
N GLY A 25 -40.02 2.83 -27.98
CA GLY A 25 -38.87 2.67 -28.88
C GLY A 25 -38.83 1.32 -29.58
N ASN A 29 -39.30 -0.47 -25.52
CA ASN A 29 -40.02 0.30 -24.50
C ASN A 29 -39.18 0.54 -23.25
N VAL A 30 -39.23 1.76 -22.72
CA VAL A 30 -38.60 2.09 -21.44
C VAL A 30 -39.69 2.35 -20.40
N TYR A 31 -39.53 1.79 -19.21
CA TYR A 31 -40.52 1.94 -18.14
C TYR A 31 -39.90 2.52 -16.88
N LEU A 32 -40.65 3.39 -16.22
CA LEU A 32 -40.31 3.77 -14.86
C LEU A 32 -40.58 2.56 -13.97
N ALA A 33 -39.58 2.15 -13.20
CA ALA A 33 -39.68 0.95 -12.37
C ALA A 33 -39.09 1.19 -10.98
N ARG A 34 -39.50 0.35 -10.03
CA ARG A 34 -38.98 0.40 -8.68
C ARG A 34 -38.50 -1.00 -8.29
N GLU A 35 -37.22 -1.13 -8.00
CA GLU A 35 -36.65 -2.38 -7.49
C GLU A 35 -37.22 -2.63 -6.09
N LYS A 36 -37.82 -3.80 -5.91
CA LYS A 36 -38.66 -4.07 -4.73
C LYS A 36 -37.94 -4.05 -3.38
N GLN A 37 -36.78 -4.71 -3.31
CA GLN A 37 -36.11 -4.88 -2.02
C GLN A 37 -35.47 -3.59 -1.50
N ASN A 38 -35.03 -2.71 -2.41
CA ASN A 38 -34.42 -1.44 -2.03
C ASN A 38 -35.33 -0.23 -2.19
N LYS A 39 -36.55 -0.44 -2.71
CA LYS A 39 -37.48 0.66 -3.04
C LYS A 39 -36.79 1.73 -3.89
N PHE A 40 -35.92 1.29 -4.78
CA PHE A 40 -35.04 2.17 -5.57
C PHE A 40 -35.59 2.32 -6.98
N ILE A 41 -35.84 3.58 -7.35
CA ILE A 41 -36.47 3.92 -8.62
C ILE A 41 -35.43 4.05 -9.73
N MET A 42 -35.69 3.34 -10.83
CA MET A 42 -34.79 3.33 -11.98
C MET A 42 -35.63 3.23 -13.27
N ALA A 43 -34.95 3.23 -14.41
CA ALA A 43 -35.60 2.97 -15.68
C ALA A 43 -35.28 1.55 -16.14
N LEU A 44 -36.27 0.88 -16.73
CA LEU A 44 -36.07 -0.45 -17.31
C LEU A 44 -36.31 -0.41 -18.81
N LYS A 45 -35.25 -0.65 -19.58
CA LYS A 45 -35.35 -0.75 -21.03
C LYS A 45 -35.57 -2.21 -21.40
N VAL A 46 -36.64 -2.47 -22.14
CA VAL A 46 -37.06 -3.84 -22.47
C VAL A 46 -36.96 -4.04 -23.98
N LEU A 47 -36.17 -5.04 -24.37
CA LEU A 47 -35.92 -5.35 -25.77
C LEU A 47 -36.34 -6.78 -26.05
N PHE A 48 -36.86 -7.02 -27.26
CA PHE A 48 -37.29 -8.37 -27.67
C PHE A 48 -36.21 -9.11 -28.43
N LYS A 49 -35.84 -10.28 -27.92
CA LYS A 49 -34.78 -11.11 -28.48
C LYS A 49 -35.00 -11.46 -29.95
N SER A 50 -36.24 -11.83 -30.30
CA SER A 50 -36.54 -12.24 -31.67
C SER A 50 -36.42 -11.09 -32.67
N GLN A 51 -36.89 -9.91 -32.26
CA GLN A 51 -36.78 -8.72 -33.11
C GLN A 51 -35.31 -8.33 -33.35
N LEU A 52 -34.50 -8.38 -32.30
CA LEU A 52 -33.07 -8.06 -32.39
C LEU A 52 -32.35 -9.01 -33.35
N GLU A 53 -32.68 -10.30 -33.27
CA GLU A 53 -32.10 -11.31 -34.16
C GLU A 53 -32.52 -11.09 -35.61
N LYS A 54 -33.82 -10.85 -35.81
CA LYS A 54 -34.36 -10.64 -37.15
C LYS A 54 -33.74 -9.42 -37.83
N GLU A 55 -33.50 -8.37 -37.06
CA GLU A 55 -32.95 -7.13 -37.57
C GLU A 55 -31.42 -7.19 -37.75
N GLY A 56 -30.81 -8.23 -37.18
CA GLY A 56 -29.37 -8.47 -37.29
C GLY A 56 -28.49 -7.59 -36.43
N VAL A 57 -29.02 -7.13 -35.30
CA VAL A 57 -28.32 -6.12 -34.48
C VAL A 57 -27.77 -6.65 -33.13
N GLU A 58 -27.54 -7.95 -33.05
CA GLU A 58 -27.08 -8.58 -31.80
C GLU A 58 -25.71 -8.09 -31.34
N HIS A 59 -24.74 -8.06 -32.26
CA HIS A 59 -23.38 -7.64 -31.94
C HIS A 59 -23.32 -6.15 -31.64
N GLN A 60 -24.16 -5.39 -32.36
CA GLN A 60 -24.34 -3.96 -32.16
C GLN A 60 -24.81 -3.69 -30.73
N LEU A 61 -25.81 -4.46 -30.29
CA LEU A 61 -26.33 -4.31 -28.93
C LEU A 61 -25.30 -4.75 -27.89
N ARG A 62 -24.63 -5.86 -28.14
CA ARG A 62 -23.58 -6.35 -27.25
C ARG A 62 -22.55 -5.25 -26.98
N ARG A 63 -22.13 -4.56 -28.04
CA ARG A 63 -21.10 -3.52 -27.95
C ARG A 63 -21.57 -2.33 -27.11
N GLU A 64 -22.78 -1.86 -27.39
CA GLU A 64 -23.39 -0.75 -26.64
C GLU A 64 -23.46 -1.02 -25.14
N ILE A 65 -23.91 -2.24 -24.80
CA ILE A 65 -24.01 -2.65 -23.40
C ILE A 65 -22.62 -2.75 -22.78
N GLU A 66 -21.69 -3.33 -23.54
CA GLU A 66 -20.32 -3.49 -23.05
C GLU A 66 -19.69 -2.14 -22.71
N ILE A 67 -19.87 -1.17 -23.59
CA ILE A 67 -19.33 0.19 -23.36
C ILE A 67 -20.03 0.88 -22.17
N GLN A 68 -21.35 1.05 -22.24
CA GLN A 68 -22.07 1.79 -21.20
C GLN A 68 -21.96 1.18 -19.80
N SER A 69 -21.98 -0.15 -19.71
CA SER A 69 -22.01 -0.83 -18.41
C SER A 69 -20.70 -0.70 -17.63
N HIS A 70 -19.67 -0.19 -18.29
CA HIS A 70 -18.34 -0.02 -17.68
C HIS A 70 -17.95 1.45 -17.46
N LEU A 71 -18.91 2.37 -17.64
CA LEU A 71 -18.69 3.80 -17.44
C LEU A 71 -19.40 4.26 -16.17
N ARG A 72 -18.66 4.99 -15.33
CA ARG A 72 -19.23 5.51 -14.08
C ARG A 72 -18.86 6.98 -13.93
N HIS A 73 -19.80 7.85 -14.30
CA HIS A 73 -19.59 9.31 -14.27
C HIS A 73 -20.92 9.99 -14.00
N PRO A 74 -20.92 11.10 -13.23
CA PRO A 74 -22.18 11.78 -12.90
C PRO A 74 -22.92 12.34 -14.12
N ASN A 75 -22.23 12.53 -15.24
CA ASN A 75 -22.88 13.05 -16.44
C ASN A 75 -22.99 12.03 -17.58
N ILE A 76 -22.92 10.75 -17.19
CA ILE A 76 -23.18 9.66 -18.11
C ILE A 76 -24.25 8.80 -17.44
N LEU A 77 -25.32 8.52 -18.19
CA LEU A 77 -26.41 7.72 -17.65
C LEU A 77 -25.87 6.33 -17.28
N ARG A 78 -26.12 5.93 -16.03
CA ARG A 78 -25.57 4.69 -15.47
C ARG A 78 -26.40 3.48 -15.92
N MET A 79 -25.71 2.40 -16.29
CA MET A 79 -26.37 1.10 -16.49
C MET A 79 -25.97 0.24 -15.31
N TYR A 80 -26.93 -0.01 -14.42
CA TYR A 80 -26.65 -0.70 -13.16
C TYR A 80 -26.32 -2.17 -13.36
N ASN A 81 -27.10 -2.81 -14.23
CA ASN A 81 -26.98 -4.23 -14.53
C ASN A 81 -27.95 -4.56 -15.66
N TYR A 82 -28.03 -5.84 -16.01
CA TYR A 82 -28.96 -6.30 -17.03
C TYR A 82 -29.31 -7.76 -16.75
N PHE A 83 -30.41 -8.21 -17.33
CA PHE A 83 -30.85 -9.60 -17.18
C PHE A 83 -31.71 -9.99 -18.39
N HIS A 84 -32.02 -11.27 -18.52
CA HIS A 84 -32.88 -11.69 -19.63
C HIS A 84 -33.78 -12.83 -19.20
N ASP A 85 -34.90 -12.98 -19.91
CA ASP A 85 -35.75 -14.16 -19.73
C ASP A 85 -35.98 -14.84 -21.08
N ARG A 86 -37.10 -15.57 -21.21
CA ARG A 86 -37.32 -16.35 -22.42
C ARG A 86 -37.42 -15.51 -23.70
N LYS A 87 -38.04 -14.33 -23.58
CA LYS A 87 -38.38 -13.53 -24.76
C LYS A 87 -37.72 -12.15 -24.78
N ARG A 88 -37.21 -11.70 -23.63
CA ARG A 88 -36.76 -10.31 -23.49
C ARG A 88 -35.40 -10.11 -22.83
N ILE A 89 -34.76 -9.01 -23.19
CA ILE A 89 -33.56 -8.50 -22.51
C ILE A 89 -33.95 -7.20 -21.80
N TYR A 90 -33.52 -7.07 -20.54
CA TYR A 90 -33.87 -5.92 -19.71
C TYR A 90 -32.61 -5.17 -19.30
N LEU A 91 -32.57 -3.85 -19.53
CA LEU A 91 -31.44 -3.04 -19.08
C LEU A 91 -31.86 -2.16 -17.93
N MET A 92 -31.12 -2.27 -16.82
CA MET A 92 -31.40 -1.51 -15.59
C MET A 92 -30.60 -0.23 -15.66
N LEU A 93 -31.32 0.88 -15.84
CA LEU A 93 -30.70 2.18 -16.13
C LEU A 93 -31.04 3.21 -15.05
N GLU A 94 -30.12 4.13 -14.82
CA GLU A 94 -30.40 5.34 -14.04
C GLU A 94 -31.63 6.07 -14.60
N PHE A 95 -32.55 6.46 -13.71
CA PHE A 95 -33.69 7.30 -14.09
C PHE A 95 -33.28 8.79 -14.08
N ALA A 96 -33.43 9.44 -15.23
CA ALA A 96 -33.19 10.87 -15.35
C ALA A 96 -34.52 11.60 -15.24
N PRO A 97 -34.82 12.15 -14.04
CA PRO A 97 -36.20 12.62 -13.78
C PRO A 97 -36.69 13.81 -14.62
N ARG A 98 -35.77 14.62 -15.13
CA ARG A 98 -36.17 15.76 -15.94
C ARG A 98 -36.28 15.42 -17.44
N GLY A 99 -35.97 14.18 -17.79
CA GLY A 99 -36.24 13.66 -19.13
C GLY A 99 -35.34 14.20 -20.24
N GLU A 100 -35.93 14.32 -21.42
CA GLU A 100 -35.19 14.57 -22.67
C GLU A 100 -34.73 16.02 -22.81
N LEU A 101 -33.43 16.20 -23.03
CA LEU A 101 -32.89 17.54 -23.26
C LEU A 101 -33.45 18.20 -24.53
N TYR A 102 -33.65 17.39 -25.57
CA TYR A 102 -34.12 17.92 -26.85
C TYR A 102 -35.52 18.54 -26.69
N LYS A 103 -36.34 17.95 -25.83
CA LYS A 103 -37.70 18.46 -25.57
C LYS A 103 -37.64 19.80 -24.85
N GLU A 104 -36.70 19.93 -23.93
CA GLU A 104 -36.49 21.20 -23.22
C GLU A 104 -36.00 22.28 -24.16
N LEU A 105 -35.08 21.92 -25.07
CA LEU A 105 -34.59 22.87 -26.07
C LEU A 105 -35.72 23.35 -27.00
N GLN A 106 -36.56 22.40 -27.45
CA GLN A 106 -37.68 22.71 -28.33
C GLN A 106 -38.69 23.62 -27.64
N LYS A 107 -38.90 23.37 -26.34
CA LYS A 107 -39.84 24.12 -25.53
C LYS A 107 -39.42 25.59 -25.38
N HIS A 108 -38.12 25.80 -25.19
CA HIS A 108 -37.54 27.12 -24.91
C HIS A 108 -37.07 27.84 -26.17
N GLY A 109 -36.88 27.09 -27.25
CA GLY A 109 -36.36 27.65 -28.50
C GLY A 109 -34.84 27.68 -28.49
N ARG A 110 -34.28 28.38 -27.52
CA ARG A 110 -32.84 28.37 -27.29
C ARG A 110 -32.58 28.56 -25.80
N PHE A 111 -31.42 28.08 -25.35
CA PHE A 111 -30.99 28.24 -23.96
C PHE A 111 -30.19 29.52 -23.75
N ASP A 112 -30.29 30.09 -22.55
CA ASP A 112 -29.43 31.22 -22.18
C ASP A 112 -27.99 30.77 -21.95
N GLU A 113 -27.11 31.73 -21.70
CA GLU A 113 -25.67 31.44 -21.56
C GLU A 113 -25.34 30.59 -20.35
N GLN A 114 -26.03 30.84 -19.24
CA GLN A 114 -25.82 30.07 -18.03
C GLN A 114 -26.14 28.59 -18.25
N ARG A 115 -27.31 28.32 -18.82
CA ARG A 115 -27.76 26.96 -19.09
C ARG A 115 -26.79 26.25 -20.04
N SER A 116 -26.42 26.95 -21.11
CA SER A 116 -25.55 26.39 -22.15
C SER A 116 -24.13 26.11 -21.62
N ALA A 117 -23.56 27.07 -20.89
CA ALA A 117 -22.22 26.90 -20.32
C ALA A 117 -22.18 25.73 -19.34
N THR A 118 -23.21 25.61 -18.50
CA THR A 118 -23.30 24.50 -17.54
C THR A 118 -23.29 23.15 -18.27
N PHE A 119 -24.15 23.03 -19.28
CA PHE A 119 -24.20 21.83 -20.10
C PHE A 119 -22.84 21.52 -20.73
N MET A 120 -22.16 22.56 -21.22
CA MET A 120 -20.87 22.36 -21.89
C MET A 120 -19.81 21.83 -20.94
N GLU A 121 -19.79 22.35 -19.71
CA GLU A 121 -18.84 21.85 -18.70
C GLU A 121 -19.11 20.38 -18.37
N GLU A 122 -20.38 20.05 -18.20
CA GLU A 122 -20.78 18.68 -17.91
C GLU A 122 -20.43 17.74 -19.08
N LEU A 123 -20.73 18.17 -20.30
CA LEU A 123 -20.42 17.39 -21.50
C LEU A 123 -18.92 17.14 -21.62
N ALA A 124 -18.13 18.19 -21.46
CA ALA A 124 -16.68 18.09 -21.61
C ALA A 124 -16.08 17.15 -20.57
N ASP A 125 -16.60 17.23 -19.35
CA ASP A 125 -16.16 16.35 -18.27
C ASP A 125 -16.48 14.88 -18.61
N ALA A 126 -17.70 14.62 -19.06
CA ALA A 126 -18.11 13.25 -19.40
C ALA A 126 -17.30 12.72 -20.59
N LEU A 127 -17.10 13.55 -21.61
CA LEU A 127 -16.35 13.12 -22.78
C LEU A 127 -14.87 12.88 -22.43
N HIS A 128 -14.33 13.70 -21.52
CA HIS A 128 -12.95 13.52 -21.06
C HIS A 128 -12.79 12.14 -20.40
N TYR A 129 -13.74 11.80 -19.55
CA TYR A 129 -13.82 10.50 -18.91
C TYR A 129 -13.82 9.37 -19.96
N CYS A 130 -14.63 9.52 -21.00
CA CYS A 130 -14.67 8.55 -22.09
C CYS A 130 -13.33 8.45 -22.83
N HIS A 131 -12.79 9.59 -23.24
CA HIS A 131 -11.54 9.63 -24.01
C HIS A 131 -10.33 9.08 -23.24
N GLU A 132 -10.31 9.26 -21.92
CA GLU A 132 -9.26 8.68 -21.07
C GLU A 132 -9.28 7.14 -21.12
N ARG A 133 -10.43 6.58 -21.52
CA ARG A 133 -10.60 5.15 -21.67
C ARG A 133 -10.65 4.71 -23.15
N LYS A 134 -10.27 5.63 -24.03
CA LYS A 134 -10.29 5.43 -25.49
C LYS A 134 -11.67 5.02 -26.04
N VAL A 135 -12.72 5.52 -25.41
CA VAL A 135 -14.08 5.44 -25.94
C VAL A 135 -14.41 6.75 -26.66
N ILE A 136 -14.75 6.65 -27.94
CA ILE A 136 -15.22 7.80 -28.73
C ILE A 136 -16.75 7.69 -28.83
N HIS A 137 -17.44 8.79 -28.57
CA HIS A 137 -18.91 8.77 -28.57
C HIS A 137 -19.53 8.76 -29.97
N ARG A 138 -19.15 9.75 -30.78
CA ARG A 138 -19.49 9.84 -32.21
C ARG A 138 -20.92 10.22 -32.57
N ASP A 139 -21.75 10.55 -31.58
CA ASP A 139 -23.11 11.01 -31.89
C ASP A 139 -23.66 11.95 -30.85
N ILE A 140 -22.82 12.89 -30.42
CA ILE A 140 -23.27 13.91 -29.50
C ILE A 140 -24.24 14.86 -30.21
N LYS A 141 -25.45 14.97 -29.65
CA LYS A 141 -26.53 15.85 -30.11
C LYS A 141 -27.58 15.91 -29.00
N PRO A 142 -28.47 16.92 -29.01
CA PRO A 142 -29.44 17.05 -27.91
C PRO A 142 -30.32 15.83 -27.65
N GLU A 143 -30.74 15.16 -28.73
CA GLU A 143 -31.56 13.95 -28.66
C GLU A 143 -30.92 12.77 -27.90
N ASN A 144 -29.59 12.77 -27.76
CA ASN A 144 -28.91 11.71 -27.02
C ASN A 144 -28.56 12.07 -25.58
N LEU A 145 -29.16 13.15 -25.10
CA LEU A 145 -28.89 13.65 -23.75
C LEU A 145 -30.15 13.69 -22.91
N LEU A 146 -30.03 13.24 -21.66
CA LEU A 146 -31.12 13.35 -20.68
C LEU A 146 -30.75 14.33 -19.58
N MET A 147 -31.69 14.62 -18.68
CA MET A 147 -31.44 15.57 -17.60
C MET A 147 -31.78 15.00 -16.22
N GLY A 148 -30.86 15.19 -15.28
CA GLY A 148 -31.01 14.72 -13.92
C GLY A 148 -31.91 15.57 -13.04
N TYR A 149 -31.96 15.24 -11.75
CA TYR A 149 -32.84 15.88 -10.79
C TYR A 149 -32.63 17.39 -10.70
N LYS A 150 -31.37 17.83 -10.78
CA LYS A 150 -31.04 19.24 -10.77
C LYS A 150 -30.72 19.76 -12.18
N GLY A 151 -31.21 19.04 -13.19
CA GLY A 151 -31.02 19.42 -14.58
C GLY A 151 -29.67 19.06 -15.17
N GLU A 152 -28.89 18.23 -14.47
CA GLU A 152 -27.55 17.86 -14.96
C GLU A 152 -27.60 17.02 -16.23
N LEU A 153 -26.75 17.38 -17.20
CA LEU A 153 -26.61 16.62 -18.44
C LEU A 153 -26.24 15.16 -18.16
N LYS A 154 -26.87 14.24 -18.89
CA LYS A 154 -26.54 12.83 -18.82
C LYS A 154 -26.44 12.31 -20.25
N ILE A 155 -25.25 11.86 -20.65
CA ILE A 155 -25.10 11.21 -21.94
C ILE A 155 -25.86 9.88 -21.85
N ALA A 156 -26.88 9.70 -22.68
CA ALA A 156 -27.83 8.61 -22.49
C ALA A 156 -27.56 7.37 -23.34
N ASP A 157 -27.05 7.62 -24.54
CA ASP A 157 -27.06 6.68 -25.67
C ASP A 157 -25.64 6.54 -26.18
N PHE A 158 -25.20 5.31 -26.44
CA PHE A 158 -23.86 5.03 -26.99
C PHE A 158 -23.94 4.22 -28.30
N GLY A 159 -24.98 4.52 -29.09
CA GLY A 159 -25.32 3.76 -30.30
C GLY A 159 -24.28 3.74 -31.39
N TRP A 160 -23.51 4.82 -31.50
CA TRP A 160 -22.44 4.91 -32.49
C TRP A 160 -21.04 4.84 -31.86
N SER A 161 -21.00 4.59 -30.56
CA SER A 161 -19.74 4.60 -29.83
C SER A 161 -18.82 3.42 -30.15
N VAL A 162 -17.53 3.62 -29.91
CA VAL A 162 -16.52 2.61 -30.19
C VAL A 162 -15.37 2.72 -29.20
N HIS A 163 -14.89 1.57 -28.74
CA HIS A 163 -13.63 1.54 -28.04
C HIS A 163 -12.54 1.41 -29.11
N ALA A 164 -11.72 2.45 -29.23
CA ALA A 164 -10.70 2.55 -30.28
C ALA A 164 -9.32 2.78 -29.66
N PRO A 165 -8.69 1.72 -29.15
CA PRO A 165 -7.40 1.85 -28.47
C PRO A 165 -6.22 2.18 -29.37
N SER A 166 -6.19 1.62 -30.58
CA SER A 166 -4.98 1.73 -31.38
C SER A 166 -5.21 2.19 -32.82
N LEU A 167 -6.22 1.64 -33.47
CA LEU A 167 -6.49 1.97 -34.87
C LEU A 167 -7.38 3.20 -35.01
N ARG A 168 -7.03 4.06 -35.96
CA ARG A 168 -7.91 5.15 -36.37
C ARG A 168 -9.16 4.53 -37.01
N ARG A 169 -10.24 5.30 -37.08
CA ARG A 169 -11.52 4.76 -37.51
C ARG A 169 -11.96 5.24 -38.88
N ARG A 170 -12.86 4.49 -39.50
CA ARG A 170 -13.27 4.77 -40.87
C ARG A 170 -14.78 5.01 -41.03
N MET A 172 -18.42 6.18 -41.30
CA MET A 172 -19.23 7.39 -41.29
C MET A 172 -20.42 7.13 -40.39
N CYS A 173 -20.53 7.93 -39.35
CA CYS A 173 -21.63 7.75 -38.43
C CYS A 173 -21.97 9.03 -37.71
N GLY A 174 -23.14 9.03 -37.07
CA GLY A 174 -23.63 10.20 -36.36
C GLY A 174 -24.87 10.73 -37.03
N THR A 175 -24.95 12.06 -37.11
CA THR A 175 -26.15 12.78 -37.52
C THR A 175 -25.74 13.91 -38.48
N LEU A 176 -26.47 14.05 -39.58
CA LEU A 176 -26.11 14.97 -40.67
C LEU A 176 -25.50 16.29 -40.22
N ASP A 177 -26.26 17.05 -39.42
CA ASP A 177 -25.86 18.41 -39.06
C ASP A 177 -24.62 18.46 -38.15
N TYR A 178 -24.29 17.31 -37.58
CA TYR A 178 -23.22 17.19 -36.60
C TYR A 178 -21.94 16.54 -37.16
N LEU A 179 -21.99 16.08 -38.40
CA LEU A 179 -20.84 15.36 -38.99
C LEU A 179 -19.61 16.26 -39.10
N PRO A 180 -18.46 15.75 -38.65
CA PRO A 180 -17.24 16.53 -38.85
C PRO A 180 -16.71 16.42 -40.28
N PRO A 181 -15.92 17.42 -40.72
CA PRO A 181 -15.39 17.40 -42.09
C PRO A 181 -14.72 16.08 -42.46
N GLU A 182 -13.91 15.53 -41.56
CA GLU A 182 -13.12 14.34 -41.88
C GLU A 182 -13.96 13.12 -42.23
N MET A 183 -15.14 13.00 -41.62
CA MET A 183 -16.07 11.93 -41.98
C MET A 183 -16.62 12.14 -43.39
N ILE A 184 -17.11 13.36 -43.66
CA ILE A 184 -17.66 13.70 -44.97
C ILE A 184 -16.65 13.43 -46.09
N GLU A 185 -15.38 13.77 -45.84
CA GLU A 185 -14.32 13.63 -46.83
C GLU A 185 -13.74 12.21 -46.97
N GLY A 186 -14.22 11.28 -46.15
CA GLY A 186 -13.79 9.89 -46.18
C GLY A 186 -12.39 9.66 -45.66
N LYS A 187 -11.93 10.54 -44.78
CA LYS A 187 -10.63 10.39 -44.12
C LYS A 187 -10.80 9.46 -42.92
N THR A 188 -9.69 8.99 -42.36
CA THR A 188 -9.77 8.28 -41.09
C THR A 188 -10.09 9.31 -40.00
N HIS A 189 -10.70 8.87 -38.91
CA HIS A 189 -10.99 9.77 -37.80
C HIS A 189 -10.56 9.20 -36.45
N ASP A 190 -10.52 10.08 -35.45
CA ASP A 190 -10.15 9.69 -34.10
C ASP A 190 -11.07 10.35 -33.08
N GLU A 191 -10.64 10.40 -31.82
CA GLU A 191 -11.49 10.94 -30.76
C GLU A 191 -11.86 12.41 -30.94
N LYS A 192 -11.11 13.11 -31.78
CA LYS A 192 -11.35 14.52 -32.00
C LYS A 192 -12.67 14.82 -32.72
N VAL A 193 -13.32 13.78 -33.26
CA VAL A 193 -14.69 13.98 -33.78
C VAL A 193 -15.65 14.50 -32.72
N ASP A 194 -15.46 14.06 -31.46
CA ASP A 194 -16.34 14.48 -30.36
C ASP A 194 -16.18 15.97 -30.03
N LEU A 195 -14.98 16.49 -30.30
N LEU A 195 -14.98 16.50 -30.27
CA LEU A 195 -14.68 17.91 -30.09
CA LEU A 195 -14.71 17.93 -30.07
C LEU A 195 -15.47 18.78 -31.06
C LEU A 195 -15.53 18.76 -31.06
N TRP A 196 -15.52 18.35 -32.32
CA TRP A 196 -16.32 19.01 -33.35
C TRP A 196 -17.80 19.03 -32.96
N CYS A 197 -18.34 17.86 -32.58
CA CYS A 197 -19.75 17.73 -32.24
C CYS A 197 -20.11 18.59 -31.02
N ALA A 198 -19.16 18.73 -30.10
CA ALA A 198 -19.39 19.59 -28.94
C ALA A 198 -19.56 21.06 -29.36
N GLY A 199 -18.86 21.46 -30.42
CA GLY A 199 -18.97 22.84 -30.94
C GLY A 199 -20.32 23.07 -31.60
N VAL A 200 -20.74 22.07 -32.39
CA VAL A 200 -22.05 22.11 -33.02
C VAL A 200 -23.14 22.19 -31.94
N LEU A 201 -22.98 21.38 -30.89
CA LEU A 201 -23.93 21.35 -29.78
C LEU A 201 -24.01 22.70 -29.07
N CYS A 202 -22.87 23.31 -28.76
CA CYS A 202 -22.87 24.62 -28.11
C CYS A 202 -23.62 25.66 -28.95
N TYR A 203 -23.36 25.66 -30.26
CA TYR A 203 -24.05 26.56 -31.18
C TYR A 203 -25.57 26.30 -31.16
N GLU A 204 -25.99 25.04 -31.26
CA GLU A 204 -27.43 24.72 -31.25
C GLU A 204 -28.11 25.09 -29.92
N PHE A 205 -27.40 24.91 -28.80
CA PHE A 205 -27.92 25.33 -27.49
C PHE A 205 -28.27 26.81 -27.52
N LEU A 206 -27.33 27.62 -27.96
CA LEU A 206 -27.45 29.06 -27.87
C LEU A 206 -28.32 29.66 -28.97
N VAL A 207 -28.41 28.99 -30.11
CA VAL A 207 -29.09 29.56 -31.29
C VAL A 207 -30.44 28.90 -31.55
N GLY A 208 -30.53 27.60 -31.27
CA GLY A 208 -31.76 26.82 -31.45
C GLY A 208 -31.79 26.07 -32.76
N MET A 209 -30.82 26.35 -33.62
CA MET A 209 -30.63 25.65 -34.89
C MET A 209 -29.15 25.27 -35.03
N PRO A 210 -28.84 24.16 -35.74
CA PRO A 210 -27.42 23.85 -35.95
C PRO A 210 -26.80 24.80 -36.99
N PRO A 211 -25.47 24.99 -36.92
CA PRO A 211 -24.79 26.06 -37.69
C PRO A 211 -24.79 25.87 -39.22
N PHE A 212 -24.92 24.63 -39.68
CA PHE A 212 -24.79 24.37 -41.12
C PHE A 212 -26.10 23.93 -41.76
N ASP A 213 -27.21 24.21 -41.07
CA ASP A 213 -28.57 23.96 -41.55
C ASP A 213 -28.76 24.35 -43.02
N SER A 214 -29.19 23.39 -43.83
CA SER A 214 -29.40 23.58 -45.28
C SER A 214 -30.54 22.71 -45.82
N PRO A 215 -31.17 23.14 -46.95
CA PRO A 215 -32.24 22.41 -47.63
C PRO A 215 -31.85 21.04 -48.18
N SER A 216 -30.55 20.82 -48.40
CA SER A 216 -30.08 19.57 -49.01
C SER A 216 -28.83 19.05 -48.33
N HIS A 217 -28.68 17.73 -48.35
CA HIS A 217 -27.53 17.07 -47.72
C HIS A 217 -26.21 17.47 -48.37
N THR A 218 -26.22 17.70 -49.69
CA THR A 218 -25.02 18.17 -50.39
C THR A 218 -24.63 19.59 -49.97
N GLU A 219 -25.62 20.46 -49.79
CA GLU A 219 -25.34 21.82 -49.35
C GLU A 219 -24.88 21.85 -47.89
N THR A 220 -25.46 20.98 -47.06
CA THR A 220 -24.99 20.82 -45.66
C THR A 220 -23.53 20.37 -45.63
N HIS A 221 -23.21 19.29 -46.37
CA HIS A 221 -21.83 18.82 -46.51
C HIS A 221 -20.88 19.94 -46.95
N ARG A 222 -21.31 20.71 -47.95
CA ARG A 222 -20.50 21.84 -48.46
C ARG A 222 -20.21 22.88 -47.36
N ARG A 223 -21.25 23.23 -46.59
CA ARG A 223 -21.09 24.20 -45.53
C ARG A 223 -20.15 23.69 -44.42
N ILE A 224 -20.27 22.40 -44.11
CA ILE A 224 -19.41 21.78 -43.08
C ILE A 224 -17.93 21.81 -43.47
N VAL A 225 -17.59 21.33 -44.67
CA VAL A 225 -16.17 21.21 -45.08
C VAL A 225 -15.51 22.57 -45.34
N ASN A 226 -16.34 23.59 -45.56
CA ASN A 226 -15.87 24.97 -45.68
C ASN A 226 -15.90 25.71 -44.33
N VAL A 227 -16.41 25.02 -43.31
CA VAL A 227 -16.70 25.61 -41.99
C VAL A 227 -17.38 26.97 -42.17
N ASP A 228 -18.50 26.96 -42.89
CA ASP A 228 -19.20 28.19 -43.29
C ASP A 228 -20.04 28.71 -42.12
N LEU A 229 -19.34 29.11 -41.07
CA LEU A 229 -19.94 29.48 -39.80
C LEU A 229 -20.39 30.96 -39.86
N LYS A 230 -21.66 31.21 -39.59
CA LYS A 230 -22.19 32.58 -39.56
C LYS A 230 -22.94 32.88 -38.28
N PHE A 231 -22.24 33.46 -37.31
CA PHE A 231 -22.80 33.74 -35.98
C PHE A 231 -23.90 34.79 -36.01
N PRO A 232 -25.08 34.46 -35.44
CA PRO A 232 -26.10 35.48 -35.15
C PRO A 232 -25.57 36.59 -34.23
N PRO A 233 -26.07 37.83 -34.42
CA PRO A 233 -25.60 39.00 -33.68
C PRO A 233 -25.81 39.00 -32.16
N PHE A 234 -26.76 38.21 -31.66
CA PHE A 234 -27.07 38.22 -30.22
C PHE A 234 -26.07 37.43 -29.37
N LEU A 235 -25.25 36.61 -30.02
CA LEU A 235 -24.27 35.80 -29.30
C LEU A 235 -23.17 36.65 -28.69
N SER A 236 -22.78 36.29 -27.46
CA SER A 236 -21.65 36.95 -26.78
C SER A 236 -20.31 36.62 -27.46
N ASP A 237 -19.34 37.51 -27.29
CA ASP A 237 -17.97 37.26 -27.77
C ASP A 237 -17.38 35.98 -27.17
N GLY A 238 -17.68 35.73 -25.89
CA GLY A 238 -17.16 34.54 -25.20
C GLY A 238 -17.69 33.24 -25.80
N SER A 239 -19.00 33.20 -26.07
CA SER A 239 -19.61 32.01 -26.64
C SER A 239 -19.08 31.72 -28.04
N LYS A 240 -18.95 32.77 -28.87
CA LYS A 240 -18.38 32.62 -30.22
C LYS A 240 -16.93 32.15 -30.18
N ASP A 241 -16.18 32.62 -29.17
CA ASP A 241 -14.78 32.22 -29.00
C ASP A 241 -14.68 30.72 -28.76
N LEU A 242 -15.52 30.21 -27.86
CA LEU A 242 -15.53 28.76 -27.59
C LEU A 242 -15.94 27.94 -28.82
N ILE A 243 -17.04 28.34 -29.45
CA ILE A 243 -17.54 27.61 -30.63
C ILE A 243 -16.49 27.61 -31.74
N SER A 244 -15.92 28.79 -32.03
CA SER A 244 -14.88 28.93 -33.06
C SER A 244 -13.68 28.03 -32.80
N LYS A 245 -13.31 27.90 -31.52
CA LYS A 245 -12.17 27.06 -31.15
C LYS A 245 -12.43 25.56 -31.22
N LEU A 246 -13.71 25.16 -31.16
CA LEU A 246 -14.09 23.75 -31.35
C LEU A 246 -14.33 23.38 -32.82
N LEU A 247 -14.95 24.28 -33.56
CA LEU A 247 -15.27 24.02 -34.97
C LEU A 247 -14.10 24.39 -35.87
N ARG A 248 -12.98 23.68 -35.69
CA ARG A 248 -11.82 23.84 -36.55
C ARG A 248 -11.77 22.72 -37.59
N TYR A 249 -11.49 23.09 -38.84
CA TYR A 249 -11.36 22.12 -39.91
C TYR A 249 -10.37 21.02 -39.54
N HIS A 250 -9.21 21.41 -39.04
CA HIS A 250 -8.15 20.45 -38.70
C HIS A 250 -8.32 19.86 -37.30
N PRO A 251 -8.56 18.53 -37.22
CA PRO A 251 -8.81 17.93 -35.90
C PRO A 251 -7.76 18.28 -34.81
N PRO A 252 -6.45 18.22 -35.13
CA PRO A 252 -5.45 18.54 -34.09
C PRO A 252 -5.48 19.98 -33.58
N GLN A 253 -6.17 20.87 -34.29
CA GLN A 253 -6.27 22.28 -33.88
C GLN A 253 -7.47 22.58 -32.98
N ARG A 254 -8.35 21.60 -32.78
CA ARG A 254 -9.56 21.78 -31.98
C ARG A 254 -9.22 21.91 -30.51
N LEU A 255 -9.93 22.79 -29.82
CA LEU A 255 -9.73 22.98 -28.38
C LEU A 255 -9.94 21.67 -27.63
N PRO A 256 -8.93 21.23 -26.85
CA PRO A 256 -9.11 20.02 -26.02
C PRO A 256 -10.25 20.12 -25.02
N LEU A 257 -10.77 18.97 -24.61
CA LEU A 257 -11.87 18.93 -23.64
C LEU A 257 -11.50 19.64 -22.34
N LYS A 258 -10.27 19.43 -21.86
CA LYS A 258 -9.78 20.19 -20.71
C LYS A 258 -9.84 21.69 -21.00
N GLY A 259 -9.52 22.08 -22.25
CA GLY A 259 -9.64 23.46 -22.67
C GLY A 259 -11.05 24.03 -22.65
N VAL A 260 -12.05 23.19 -22.93
CA VAL A 260 -13.44 23.59 -22.85
C VAL A 260 -13.80 23.90 -21.39
N MET A 261 -13.43 22.98 -20.49
CA MET A 261 -13.71 23.14 -19.05
C MET A 261 -13.04 24.39 -18.47
N GLU A 262 -11.87 24.74 -19.01
CA GLU A 262 -11.07 25.89 -18.53
C GLU A 262 -11.38 27.18 -19.28
N HIS A 263 -12.28 27.13 -20.26
CA HIS A 263 -12.53 28.31 -21.10
C HIS A 263 -13.18 29.43 -20.26
N PRO A 264 -12.70 30.69 -20.40
CA PRO A 264 -13.24 31.75 -19.55
C PRO A 264 -14.75 31.90 -19.58
N TRP A 265 -15.37 31.66 -20.74
CA TRP A 265 -16.82 31.77 -20.88
C TRP A 265 -17.53 30.67 -20.09
N VAL A 266 -16.97 29.47 -20.13
CA VAL A 266 -17.48 28.38 -19.32
C VAL A 266 -17.31 28.71 -17.84
N LYS A 267 -16.11 29.14 -17.44
CA LYS A 267 -15.89 29.50 -16.03
C LYS A 267 -16.84 30.60 -15.52
N ALA A 268 -17.08 31.61 -16.35
CA ALA A 268 -17.87 32.76 -15.95
C ALA A 268 -19.37 32.49 -15.86
N ASN A 269 -19.84 31.48 -16.59
CA ASN A 269 -21.29 31.27 -16.77
C ASN A 269 -21.86 29.96 -16.24
N SER A 270 -21.01 28.92 -16.15
CA SER A 270 -21.46 27.63 -15.66
C SER A 270 -21.87 27.66 -14.19
N ARG A 271 -22.99 26.98 -13.89
CA ARG A 271 -23.47 26.80 -12.51
C ARG A 271 -23.56 25.31 -12.21
N ARG A 272 -22.52 24.58 -12.61
CA ARG A 272 -22.48 23.14 -12.47
C ARG A 272 -22.47 22.69 -11.00
N VAL A 273 -23.29 21.70 -10.69
CA VAL A 273 -23.29 21.11 -9.35
C VAL A 273 -23.08 19.60 -9.48
N LEU A 274 -22.08 19.07 -8.78
CA LEU A 274 -21.84 17.63 -8.75
C LEU A 274 -22.87 16.98 -7.82
N PRO A 275 -23.54 15.91 -8.28
CA PRO A 275 -24.53 15.22 -7.45
C PRO A 275 -23.89 14.62 -6.20
N PRO A 276 -24.65 14.56 -5.09
CA PRO A 276 -24.21 13.81 -3.90
C PRO A 276 -23.80 12.38 -4.25
N VAL A 277 -22.72 11.92 -3.62
CA VAL A 277 -22.19 10.57 -3.85
C VAL A 277 -22.31 9.76 -2.57
N TYR A 278 -22.52 8.45 -2.71
CA TYR A 278 -22.49 7.55 -1.57
C TYR A 278 -21.07 7.51 -0.98
N GLN A 279 -20.91 7.90 0.28
CA GLN A 279 -21.94 8.52 1.10
C GLN A 279 -21.30 9.44 2.13
N THR B 1 63.40 0.97 27.61
CA THR B 1 64.71 1.61 27.95
C THR B 1 64.52 3.09 28.29
N ALA B 2 65.63 3.78 28.50
CA ALA B 2 65.66 5.20 28.82
C ALA B 2 65.34 6.10 27.61
N LEU B 3 65.29 5.49 26.42
CA LEU B 3 65.01 6.23 25.19
C LEU B 3 63.84 5.63 24.41
N ALA B 4 63.23 4.58 24.96
CA ALA B 4 62.07 3.93 24.35
C ALA B 4 60.88 4.88 24.30
N GLU B 5 60.05 4.73 23.27
CA GLU B 5 58.88 5.57 23.10
C GLU B 5 57.93 5.45 24.29
N MET B 6 57.55 6.60 24.83
CA MET B 6 56.62 6.69 25.95
C MET B 6 55.29 6.00 25.63
N PRO B 7 54.77 5.19 26.57
CA PRO B 7 53.49 4.50 26.34
C PRO B 7 52.31 5.44 26.30
N LYS B 8 51.32 5.11 25.48
CA LYS B 8 50.10 5.89 25.39
C LYS B 8 49.20 5.63 26.60
N ARG B 9 48.38 6.60 26.94
N ARG B 9 48.38 6.61 26.94
CA ARG B 9 47.44 6.51 28.06
CA ARG B 9 47.42 6.52 28.04
C ARG B 9 46.37 5.46 27.79
C ARG B 9 46.40 5.42 27.77
N LYS B 10 46.05 4.68 28.82
CA LYS B 10 44.94 3.74 28.77
C LYS B 10 43.91 4.24 29.78
N PHE B 11 42.70 3.69 29.75
CA PHE B 11 41.73 4.04 30.77
C PHE B 11 42.14 3.50 32.14
N THR B 12 41.62 4.13 33.17
CA THR B 12 41.94 3.84 34.55
C THR B 12 40.64 3.90 35.35
N ILE B 13 40.57 3.17 36.47
CA ILE B 13 39.38 3.26 37.34
C ILE B 13 39.03 4.69 37.76
N ASP B 14 40.04 5.55 37.88
CA ASP B 14 39.83 6.96 38.26
C ASP B 14 39.15 7.77 37.16
N ASP B 15 38.98 7.19 35.98
CA ASP B 15 38.30 7.85 34.87
C ASP B 15 36.77 7.76 34.97
N PHE B 16 36.27 7.07 35.99
CA PHE B 16 34.82 6.80 36.10
C PHE B 16 34.22 7.19 37.45
N ASP B 17 33.00 7.72 37.41
CA ASP B 17 32.11 7.76 38.56
C ASP B 17 31.44 6.39 38.62
N ILE B 18 31.53 5.72 39.76
CA ILE B 18 30.96 4.38 39.87
C ILE B 18 29.60 4.39 40.61
N GLY B 19 28.63 3.68 40.04
CA GLY B 19 27.32 3.51 40.67
C GLY B 19 27.15 2.13 41.28
N ARG B 20 25.91 1.65 41.29
CA ARG B 20 25.56 0.38 41.91
C ARG B 20 25.75 -0.79 40.93
N PRO B 21 25.92 -2.02 41.47
CA PRO B 21 25.82 -3.19 40.60
C PRO B 21 24.48 -3.24 39.88
N LEU B 22 24.47 -3.77 38.65
CA LEU B 22 23.26 -3.79 37.84
C LEU B 22 22.35 -4.98 38.17
N GLY B 23 22.87 -5.90 39.00
CA GLY B 23 22.11 -7.07 39.45
C GLY B 23 22.68 -7.66 40.72
N LYS B 24 21.94 -8.60 41.30
CA LYS B 24 22.41 -9.29 42.51
C LYS B 24 23.01 -10.66 42.17
N GLY B 25 22.87 -11.08 40.91
CA GLY B 25 23.36 -12.37 40.47
C GLY B 25 24.43 -12.30 39.40
N LYS B 26 24.08 -12.70 38.17
CA LYS B 26 25.04 -12.70 37.07
C LYS B 26 25.65 -11.31 36.80
N PHE B 27 24.89 -10.25 37.12
CA PHE B 27 25.40 -8.88 36.95
C PHE B 27 26.02 -8.27 38.22
N GLY B 28 26.47 -9.16 39.10
CA GLY B 28 27.28 -8.88 40.32
C GLY B 28 27.92 -7.56 40.75
N ASN B 29 29.04 -7.11 40.19
CA ASN B 29 29.85 -7.67 39.10
C ASN B 29 29.97 -6.67 37.94
N VAL B 30 28.82 -6.16 37.49
CA VAL B 30 28.76 -5.15 36.44
C VAL B 30 28.15 -3.88 37.04
N TYR B 31 28.93 -2.81 37.01
CA TYR B 31 28.52 -1.57 37.68
C TYR B 31 28.08 -0.53 36.70
N LEU B 32 27.00 0.18 37.02
CA LEU B 32 26.67 1.38 36.28
C LEU B 32 27.79 2.37 36.51
N ALA B 33 28.29 2.97 35.43
CA ALA B 33 29.42 3.90 35.53
C ALA B 33 29.22 5.11 34.63
N ARG B 34 29.81 6.23 35.02
CA ARG B 34 29.83 7.42 34.19
C ARG B 34 31.27 7.76 33.88
N GLU B 35 31.65 7.68 32.61
CA GLU B 35 32.99 8.08 32.20
C GLU B 35 33.05 9.61 32.34
N LYS B 36 34.04 10.10 33.07
CA LYS B 36 34.06 11.50 33.54
C LYS B 36 34.18 12.58 32.47
N GLN B 37 35.10 12.40 31.52
CA GLN B 37 35.37 13.45 30.54
C GLN B 37 34.18 13.70 29.61
N ASN B 38 33.47 12.65 29.24
CA ASN B 38 32.32 12.78 28.36
C ASN B 38 30.96 12.71 29.06
N LYS B 39 30.99 12.57 30.39
CA LYS B 39 29.78 12.43 31.21
C LYS B 39 28.85 11.38 30.58
N PHE B 40 29.46 10.27 30.16
CA PHE B 40 28.80 9.25 29.36
C PHE B 40 28.57 7.98 30.16
N ILE B 41 27.31 7.57 30.25
CA ILE B 41 26.93 6.43 31.07
C ILE B 41 27.18 5.11 30.35
N MET B 42 27.86 4.19 31.05
CA MET B 42 28.15 2.86 30.53
C MET B 42 28.07 1.82 31.65
N ALA B 43 28.41 0.57 31.34
CA ALA B 43 28.47 -0.49 32.33
C ALA B 43 29.90 -0.96 32.46
N LEU B 44 30.40 -1.10 33.69
CA LEU B 44 31.77 -1.50 33.91
C LEU B 44 31.78 -2.87 34.55
N LYS B 45 32.21 -3.88 33.78
CA LYS B 45 32.31 -5.24 34.30
C LYS B 45 33.67 -5.43 34.96
N VAL B 46 33.64 -5.85 36.23
CA VAL B 46 34.86 -6.03 37.05
C VAL B 46 35.13 -7.52 37.32
N LEU B 47 36.28 -7.98 36.83
CA LEU B 47 36.71 -9.37 36.99
C LEU B 47 37.94 -9.46 37.89
N PHE B 48 37.95 -10.44 38.78
CA PHE B 48 39.10 -10.67 39.66
C PHE B 48 40.03 -11.72 39.06
N LYS B 49 41.29 -11.34 38.87
CA LYS B 49 42.27 -12.17 38.19
C LYS B 49 42.49 -13.52 38.87
N SER B 50 42.39 -13.53 40.20
CA SER B 50 42.56 -14.74 40.99
C SER B 50 41.37 -15.70 40.82
N GLN B 51 40.18 -15.14 40.64
CA GLN B 51 38.97 -15.94 40.42
C GLN B 51 38.92 -16.52 39.01
N LEU B 52 39.49 -15.79 38.06
CA LEU B 52 39.59 -16.26 36.68
C LEU B 52 40.51 -17.48 36.57
N GLU B 53 41.67 -17.41 37.20
CA GLU B 53 42.63 -18.52 37.15
C GLU B 53 42.18 -19.74 37.97
N LYS B 54 41.47 -19.49 39.07
CA LYS B 54 40.92 -20.56 39.92
C LYS B 54 39.91 -21.40 39.17
N GLU B 55 39.02 -20.73 38.45
CA GLU B 55 38.00 -21.42 37.66
C GLU B 55 38.53 -21.86 36.30
N GLY B 56 39.73 -21.40 35.95
CA GLY B 56 40.41 -21.78 34.71
C GLY B 56 39.68 -21.30 33.46
N VAL B 57 39.24 -20.04 33.48
CA VAL B 57 38.45 -19.47 32.37
C VAL B 57 39.23 -18.32 31.70
N GLU B 58 40.54 -18.31 31.92
CA GLU B 58 41.45 -17.28 31.43
C GLU B 58 41.59 -17.27 29.90
N HIS B 59 41.65 -18.45 29.29
CA HIS B 59 41.73 -18.58 27.83
C HIS B 59 40.43 -18.17 27.16
N GLN B 60 39.30 -18.51 27.81
CA GLN B 60 37.99 -18.13 27.32
C GLN B 60 37.79 -16.61 27.34
N LEU B 61 38.22 -15.97 28.43
CA LEU B 61 38.11 -14.51 28.54
C LEU B 61 38.87 -13.83 27.42
N ARG B 62 40.10 -14.26 27.18
CA ARG B 62 40.94 -13.66 26.14
C ARG B 62 40.27 -13.77 24.78
N ARG B 63 39.69 -14.93 24.50
CA ARG B 63 38.99 -15.16 23.24
C ARG B 63 37.77 -14.22 23.11
N GLU B 64 37.02 -14.09 24.20
CA GLU B 64 35.80 -13.27 24.19
C GLU B 64 36.09 -11.77 24.01
N ILE B 65 37.10 -11.26 24.71
CA ILE B 65 37.53 -9.87 24.54
C ILE B 65 37.98 -9.62 23.11
N GLU B 66 38.82 -10.52 22.59
CA GLU B 66 39.33 -10.41 21.23
C GLU B 66 38.19 -10.27 20.20
N ILE B 67 37.14 -11.08 20.36
CA ILE B 67 35.98 -11.02 19.47
C ILE B 67 35.15 -9.75 19.68
N GLN B 68 34.65 -9.54 20.89
CA GLN B 68 33.66 -8.49 21.15
C GLN B 68 34.20 -7.07 20.98
N SER B 69 35.48 -6.88 21.32
CA SER B 69 36.11 -5.57 21.22
C SER B 69 36.15 -5.04 19.78
N HIS B 70 36.00 -5.94 18.80
CA HIS B 70 36.10 -5.57 17.40
C HIS B 70 34.75 -5.49 16.66
N LEU B 71 33.67 -5.82 17.35
CA LEU B 71 32.34 -5.75 16.74
C LEU B 71 31.65 -4.44 17.01
N ARG B 72 31.18 -3.80 15.94
N ARG B 72 31.19 -3.79 15.95
CA ARG B 72 30.57 -2.49 16.02
CA ARG B 72 30.55 -2.48 16.05
C ARG B 72 29.27 -2.51 15.21
C ARG B 72 29.26 -2.47 15.24
N HIS B 73 28.16 -2.82 15.90
CA HIS B 73 26.85 -2.93 15.24
C HIS B 73 25.75 -2.53 16.23
N PRO B 74 24.68 -1.85 15.77
CA PRO B 74 23.66 -1.35 16.69
C PRO B 74 22.89 -2.40 17.50
N ASN B 75 22.96 -3.66 17.07
CA ASN B 75 22.29 -4.76 17.79
C ASN B 75 23.26 -5.76 18.41
N ILE B 76 24.51 -5.31 18.60
CA ILE B 76 25.50 -6.05 19.36
C ILE B 76 26.00 -5.14 20.48
N LEU B 77 25.98 -5.65 21.71
CA LEU B 77 26.40 -4.86 22.86
C LEU B 77 27.88 -4.53 22.68
N ARG B 78 28.16 -3.23 22.67
CA ARG B 78 29.49 -2.70 22.39
C ARG B 78 30.43 -2.92 23.58
N MET B 79 31.67 -3.30 23.28
CA MET B 79 32.74 -3.22 24.27
C MET B 79 33.63 -2.07 23.83
N TYR B 80 33.50 -0.94 24.51
CA TYR B 80 34.20 0.30 24.14
C TYR B 80 35.71 0.22 24.25
N ASN B 81 36.17 -0.41 25.32
CA ASN B 81 37.60 -0.61 25.61
C ASN B 81 37.71 -1.47 26.87
N TYR B 82 38.93 -1.64 27.36
CA TYR B 82 39.21 -2.44 28.56
C TYR B 82 40.53 -2.01 29.16
N PHE B 83 40.72 -2.34 30.43
CA PHE B 83 41.97 -2.02 31.14
C PHE B 83 42.13 -2.95 32.33
N HIS B 84 43.27 -2.86 33.02
CA HIS B 84 43.50 -3.72 34.17
C HIS B 84 44.41 -3.09 35.22
N ASP B 85 44.34 -3.62 36.43
CA ASP B 85 45.29 -3.26 37.47
C ASP B 85 45.88 -4.52 38.08
N ARG B 86 46.57 -4.35 39.20
CA ARG B 86 47.07 -5.44 40.05
C ARG B 86 46.18 -6.69 40.12
N LYS B 87 44.92 -6.50 40.52
CA LYS B 87 44.05 -7.61 40.90
C LYS B 87 42.89 -7.85 39.93
N ARG B 88 42.59 -6.86 39.10
CA ARG B 88 41.31 -6.82 38.38
C ARG B 88 41.44 -6.50 36.89
N ILE B 89 40.49 -7.02 36.11
CA ILE B 89 40.33 -6.67 34.70
C ILE B 89 39.00 -5.94 34.56
N TYR B 90 39.01 -4.84 33.82
CA TYR B 90 37.82 -4.01 33.66
C TYR B 90 37.39 -3.95 32.19
N LEU B 91 36.12 -4.25 31.93
CA LEU B 91 35.58 -4.17 30.57
C LEU B 91 34.57 -3.04 30.51
N MET B 92 34.78 -2.10 29.58
CA MET B 92 33.87 -0.97 29.41
C MET B 92 32.81 -1.34 28.38
N LEU B 93 31.58 -1.52 28.85
CA LEU B 93 30.50 -2.05 28.02
C LEU B 93 29.37 -1.06 27.84
N GLU B 94 28.70 -1.14 26.70
CA GLU B 94 27.47 -0.39 26.46
C GLU B 94 26.44 -0.73 27.54
N PHE B 95 25.75 0.29 28.06
CA PHE B 95 24.65 0.07 28.99
C PHE B 95 23.37 -0.11 28.20
N ALA B 96 22.71 -1.25 28.39
CA ALA B 96 21.40 -1.50 27.78
C ALA B 96 20.33 -1.21 28.83
N PRO B 97 19.70 -0.03 28.74
CA PRO B 97 18.88 0.45 29.87
C PRO B 97 17.61 -0.36 30.14
N ARG B 98 17.10 -1.06 29.14
CA ARG B 98 15.88 -1.85 29.32
C ARG B 98 16.13 -3.28 29.80
N GLY B 99 17.40 -3.63 30.03
CA GLY B 99 17.78 -4.85 30.72
C GLY B 99 17.56 -6.16 29.97
N GLU B 100 17.24 -7.20 30.74
CA GLU B 100 17.24 -8.58 30.24
C GLU B 100 16.01 -8.92 29.40
N LEU B 101 16.24 -9.42 28.19
CA LEU B 101 15.14 -9.77 27.30
C LEU B 101 14.32 -10.91 27.87
N TYR B 102 15.01 -11.87 28.50
CA TYR B 102 14.34 -13.08 29.00
C TYR B 102 13.35 -12.76 30.11
N LYS B 103 13.63 -11.73 30.92
CA LYS B 103 12.70 -11.31 31.96
C LYS B 103 11.44 -10.70 31.37
N GLU B 104 11.61 -9.98 30.26
CA GLU B 104 10.49 -9.40 29.52
C GLU B 104 9.60 -10.49 28.91
N LEU B 105 10.22 -11.55 28.41
CA LEU B 105 9.47 -12.69 27.87
C LEU B 105 8.69 -13.40 28.99
N GLN B 106 9.32 -13.58 30.14
CA GLN B 106 8.66 -14.18 31.31
C GLN B 106 7.41 -13.39 31.69
N LYS B 107 7.60 -12.07 31.80
CA LYS B 107 6.55 -11.11 32.19
C LYS B 107 5.32 -11.16 31.28
N HIS B 108 5.58 -11.29 29.98
CA HIS B 108 4.54 -11.23 28.95
C HIS B 108 4.02 -12.60 28.55
N GLY B 109 4.77 -13.65 28.85
CA GLY B 109 4.43 -15.01 28.44
C GLY B 109 4.89 -15.31 27.04
N ARG B 110 4.45 -14.49 26.08
CA ARG B 110 4.90 -14.56 24.69
C ARG B 110 4.86 -13.16 24.09
N PHE B 111 5.74 -12.91 23.11
CA PHE B 111 5.73 -11.63 22.40
C PHE B 111 4.75 -11.65 21.23
N ASP B 112 4.17 -10.50 20.92
CA ASP B 112 3.31 -10.37 19.76
C ASP B 112 4.13 -10.41 18.47
N GLU B 113 3.45 -10.45 17.33
CA GLU B 113 4.11 -10.67 16.03
C GLU B 113 5.03 -9.52 15.66
N GLN B 114 4.63 -8.29 16.01
CA GLN B 114 5.46 -7.13 15.69
C GLN B 114 6.75 -7.08 16.51
N ARG B 115 6.64 -7.32 17.81
CA ARG B 115 7.81 -7.37 18.69
C ARG B 115 8.78 -8.48 18.22
N SER B 116 8.21 -9.65 17.92
CA SER B 116 9.02 -10.80 17.52
C SER B 116 9.71 -10.58 16.17
N ALA B 117 8.96 -10.07 15.18
CA ALA B 117 9.52 -9.82 13.86
C ALA B 117 10.63 -8.77 13.91
N THR B 118 10.43 -7.76 14.75
CA THR B 118 11.43 -6.70 14.93
C THR B 118 12.72 -7.29 15.49
N PHE B 119 12.61 -8.09 16.56
CA PHE B 119 13.76 -8.78 17.13
C PHE B 119 14.47 -9.66 16.10
N MET B 120 13.70 -10.36 15.29
CA MET B 120 14.26 -11.24 14.25
C MET B 120 15.04 -10.49 13.18
N GLU B 121 14.53 -9.35 12.72
CA GLU B 121 15.29 -8.52 11.78
C GLU B 121 16.60 -8.05 12.41
N GLU B 122 16.52 -7.55 13.64
CA GLU B 122 17.71 -7.10 14.38
C GLU B 122 18.72 -8.23 14.58
N LEU B 123 18.23 -9.37 15.02
CA LEU B 123 19.10 -10.54 15.22
C LEU B 123 19.79 -10.99 13.92
N ALA B 124 19.02 -11.08 12.84
CA ALA B 124 19.57 -11.57 11.57
C ALA B 124 20.63 -10.60 11.04
N ASP B 125 20.37 -9.30 11.19
CA ASP B 125 21.32 -8.25 10.78
C ASP B 125 22.64 -8.39 11.58
N ALA B 126 22.53 -8.49 12.90
CA ALA B 126 23.71 -8.64 13.77
C ALA B 126 24.50 -9.91 13.45
N LEU B 127 23.80 -11.03 13.25
CA LEU B 127 24.47 -12.29 12.93
C LEU B 127 25.16 -12.26 11.58
N HIS B 128 24.52 -11.61 10.61
CA HIS B 128 25.11 -11.45 9.28
C HIS B 128 26.43 -10.68 9.38
N TYR B 129 26.43 -9.63 10.19
CA TYR B 129 27.62 -8.84 10.51
C TYR B 129 28.73 -9.72 11.11
N CYS B 130 28.37 -10.55 12.11
CA CYS B 130 29.33 -11.51 12.68
C CYS B 130 29.89 -12.48 11.65
N HIS B 131 29.01 -13.07 10.84
CA HIS B 131 29.45 -14.11 9.89
C HIS B 131 30.38 -13.56 8.82
N GLU B 132 30.17 -12.30 8.42
CA GLU B 132 31.05 -11.62 7.46
C GLU B 132 32.48 -11.59 7.98
N ARG B 133 32.61 -11.52 9.31
CA ARG B 133 33.89 -11.41 10.00
C ARG B 133 34.37 -12.76 10.50
N LYS B 134 33.71 -13.83 10.04
CA LYS B 134 34.04 -15.21 10.39
C LYS B 134 33.86 -15.48 11.89
N VAL B 135 32.94 -14.76 12.52
CA VAL B 135 32.62 -14.99 13.91
C VAL B 135 31.31 -15.78 14.00
N ILE B 136 31.34 -16.95 14.64
CA ILE B 136 30.12 -17.71 14.92
C ILE B 136 29.76 -17.51 16.40
N HIS B 137 28.49 -17.21 16.67
CA HIS B 137 28.07 -16.91 18.05
C HIS B 137 27.95 -18.15 18.92
N ARG B 138 27.19 -19.14 18.42
CA ARG B 138 27.07 -20.48 19.01
C ARG B 138 26.22 -20.62 20.28
N ASP B 139 25.67 -19.51 20.77
CA ASP B 139 24.79 -19.59 21.95
C ASP B 139 23.69 -18.53 21.96
N ILE B 140 23.06 -18.30 20.81
CA ILE B 140 21.88 -17.43 20.76
C ILE B 140 20.72 -18.07 21.54
N LYS B 141 20.22 -17.33 22.55
CA LYS B 141 19.09 -17.72 23.39
C LYS B 141 18.61 -16.45 24.14
N PRO B 142 17.38 -16.47 24.69
CA PRO B 142 16.86 -15.26 25.36
C PRO B 142 17.79 -14.68 26.43
N GLU B 143 18.41 -15.54 27.23
CA GLU B 143 19.28 -15.11 28.36
C GLU B 143 20.54 -14.34 27.94
N ASN B 144 20.91 -14.42 26.67
CA ASN B 144 22.11 -13.75 26.17
C ASN B 144 21.78 -12.47 25.40
N LEU B 145 20.55 -12.00 25.57
CA LEU B 145 20.08 -10.80 24.85
C LEU B 145 19.62 -9.73 25.83
N LEU B 146 20.09 -8.50 25.60
CA LEU B 146 19.65 -7.33 26.37
C LEU B 146 18.85 -6.38 25.47
N MET B 147 18.28 -5.33 26.05
CA MET B 147 17.46 -4.39 25.28
C MET B 147 17.87 -2.92 25.47
N GLY B 148 17.92 -2.21 24.34
CA GLY B 148 18.32 -0.79 24.32
C GLY B 148 17.20 0.16 24.75
N TYR B 149 17.49 1.45 24.70
CA TYR B 149 16.53 2.48 25.15
C TYR B 149 15.16 2.40 24.46
N LYS B 150 15.16 2.10 23.16
CA LYS B 150 13.92 1.90 22.41
C LYS B 150 13.59 0.41 22.24
N GLY B 151 14.13 -0.41 23.12
CA GLY B 151 13.89 -1.86 23.12
C GLY B 151 14.60 -2.63 22.02
N GLU B 152 15.61 -2.03 21.40
CA GLU B 152 16.36 -2.74 20.35
C GLU B 152 17.14 -3.91 20.93
N LEU B 153 17.11 -5.04 20.23
CA LEU B 153 17.83 -6.24 20.62
C LEU B 153 19.33 -5.94 20.69
N LYS B 154 20.00 -6.44 21.72
CA LYS B 154 21.46 -6.37 21.82
C LYS B 154 22.02 -7.75 22.16
N ILE B 155 22.78 -8.35 21.24
CA ILE B 155 23.49 -9.59 21.55
C ILE B 155 24.57 -9.23 22.57
N ALA B 156 24.48 -9.83 23.75
CA ALA B 156 25.26 -9.34 24.90
C ALA B 156 26.45 -10.19 25.30
N ASP B 157 26.29 -11.52 25.23
CA ASP B 157 27.23 -12.49 25.78
C ASP B 157 27.84 -13.28 24.63
N PHE B 158 29.17 -13.22 24.50
CA PHE B 158 29.90 -13.91 23.44
C PHE B 158 30.79 -15.00 24.02
N GLY B 159 30.35 -15.57 25.14
CA GLY B 159 31.14 -16.54 25.91
C GLY B 159 31.48 -17.86 25.23
N TRP B 160 30.71 -18.24 24.22
CA TRP B 160 31.03 -19.46 23.46
C TRP B 160 31.28 -19.18 21.99
N SER B 161 31.43 -17.90 21.66
CA SER B 161 31.70 -17.46 20.30
C SER B 161 33.13 -17.80 19.87
N VAL B 162 33.33 -17.89 18.56
CA VAL B 162 34.65 -18.22 18.02
C VAL B 162 34.92 -17.50 16.70
N HIS B 163 36.16 -17.05 16.53
CA HIS B 163 36.60 -16.59 15.23
C HIS B 163 37.11 -17.80 14.47
N ALA B 164 36.45 -18.13 13.36
CA ALA B 164 36.69 -19.37 12.66
C ALA B 164 36.97 -19.12 11.18
N PRO B 165 38.24 -18.80 10.83
CA PRO B 165 38.59 -18.51 9.44
C PRO B 165 38.10 -19.56 8.43
N SER B 166 38.16 -20.84 8.80
CA SER B 166 37.68 -21.93 7.95
C SER B 166 36.18 -22.21 8.10
N LEU B 167 35.58 -21.60 9.13
CA LEU B 167 34.17 -21.81 9.46
C LEU B 167 33.83 -23.29 9.68
N ARG B 168 34.78 -24.05 10.23
CA ARG B 168 34.52 -25.42 10.67
C ARG B 168 35.10 -25.62 12.07
N ARG B 169 34.24 -26.02 13.02
CA ARG B 169 34.64 -26.17 14.41
C ARG B 169 34.02 -27.43 15.01
N ARG B 170 34.57 -27.90 16.14
CA ARG B 170 34.07 -29.13 16.76
C ARG B 170 33.71 -29.04 18.25
N MET B 172 31.72 -28.68 21.47
CA MET B 172 30.36 -28.85 21.92
C MET B 172 30.01 -27.70 22.86
N CYS B 173 29.10 -26.84 22.43
CA CYS B 173 28.70 -25.68 23.23
C CYS B 173 27.30 -25.20 22.86
N GLY B 174 26.74 -24.39 23.75
CA GLY B 174 25.39 -23.89 23.56
C GLY B 174 24.52 -24.19 24.75
N THR B 175 23.23 -24.39 24.48
CA THR B 175 22.26 -24.63 25.54
C THR B 175 21.29 -25.71 25.06
N LEU B 176 20.98 -26.66 25.94
CA LEU B 176 20.26 -27.89 25.55
C LEU B 176 19.08 -27.69 24.58
N ASP B 177 18.11 -26.87 24.97
CA ASP B 177 16.91 -26.64 24.15
C ASP B 177 17.17 -26.03 22.77
N TYR B 178 18.33 -25.35 22.66
CA TYR B 178 18.70 -24.60 21.47
C TYR B 178 19.69 -25.32 20.55
N LEU B 179 20.21 -26.48 20.97
CA LEU B 179 21.29 -27.14 20.23
C LEU B 179 20.84 -27.57 18.83
N PRO B 180 21.60 -27.16 17.79
CA PRO B 180 21.38 -27.72 16.45
C PRO B 180 21.66 -29.23 16.43
N PRO B 181 21.01 -29.97 15.52
CA PRO B 181 21.23 -31.42 15.44
C PRO B 181 22.71 -31.79 15.31
N GLU B 182 23.46 -31.02 14.53
CA GLU B 182 24.88 -31.31 14.31
C GLU B 182 25.70 -31.11 15.58
N MET B 183 25.27 -30.21 16.46
CA MET B 183 25.93 -30.02 17.74
C MET B 183 25.66 -31.18 18.68
N ILE B 184 24.38 -31.52 18.85
CA ILE B 184 24.03 -32.57 19.78
C ILE B 184 24.57 -33.95 19.33
N GLU B 185 24.72 -34.13 18.01
CA GLU B 185 25.24 -35.37 17.45
C GLU B 185 26.77 -35.39 17.33
N GLY B 186 27.42 -34.29 17.71
CA GLY B 186 28.89 -34.19 17.76
C GLY B 186 29.60 -34.19 16.42
N LYS B 187 28.96 -33.62 15.41
CA LYS B 187 29.54 -33.49 14.08
C LYS B 187 30.27 -32.15 13.97
N THR B 188 31.17 -32.02 12.99
CA THR B 188 31.77 -30.73 12.68
C THR B 188 30.66 -29.74 12.32
N HIS B 189 30.75 -28.52 12.86
CA HIS B 189 29.73 -27.49 12.62
C HIS B 189 30.31 -26.23 11.98
N ASP B 190 29.42 -25.43 11.42
CA ASP B 190 29.82 -24.15 10.82
C ASP B 190 28.90 -23.02 11.29
N GLU B 191 28.95 -21.90 10.59
CA GLU B 191 28.16 -20.71 10.97
C GLU B 191 26.64 -20.95 10.98
N LYS B 192 26.19 -22.01 10.31
CA LYS B 192 24.76 -22.30 10.17
C LYS B 192 24.13 -22.79 11.48
N VAL B 193 24.96 -23.08 12.49
CA VAL B 193 24.43 -23.28 13.84
C VAL B 193 23.62 -22.07 14.29
N ASP B 194 24.05 -20.88 13.90
CA ASP B 194 23.38 -19.65 14.32
C ASP B 194 22.01 -19.49 13.64
N LEU B 195 21.87 -20.03 12.43
CA LEU B 195 20.58 -20.00 11.72
C LEU B 195 19.55 -20.89 12.42
N TRP B 196 19.98 -22.07 12.85
CA TRP B 196 19.12 -22.96 13.64
C TRP B 196 18.68 -22.26 14.92
N CYS B 197 19.65 -21.80 15.70
CA CYS B 197 19.32 -21.09 16.96
C CYS B 197 18.38 -19.89 16.75
N ALA B 198 18.55 -19.18 15.63
CA ALA B 198 17.63 -18.09 15.28
C ALA B 198 16.19 -18.60 15.13
N GLY B 199 16.04 -19.78 14.52
CA GLY B 199 14.71 -20.38 14.37
C GLY B 199 14.10 -20.78 15.71
N VAL B 200 14.92 -21.33 16.60
CA VAL B 200 14.44 -21.74 17.92
C VAL B 200 14.01 -20.51 18.70
N LEU B 201 14.83 -19.46 18.63
CA LEU B 201 14.51 -18.19 19.26
C LEU B 201 13.18 -17.60 18.76
N CYS B 202 12.99 -17.57 17.45
CA CYS B 202 11.74 -17.06 16.87
C CYS B 202 10.54 -17.83 17.44
N TYR B 203 10.66 -19.15 17.49
CA TYR B 203 9.63 -20.00 18.07
C TYR B 203 9.35 -19.61 19.53
N GLU B 204 10.39 -19.53 20.35
CA GLU B 204 10.19 -19.24 21.78
C GLU B 204 9.59 -17.85 22.02
N PHE B 205 10.05 -16.86 21.25
CA PHE B 205 9.45 -15.53 21.26
C PHE B 205 7.92 -15.59 21.11
N LEU B 206 7.46 -16.31 20.09
CA LEU B 206 6.04 -16.33 19.72
C LEU B 206 5.20 -17.32 20.53
N VAL B 207 5.85 -18.36 21.05
CA VAL B 207 5.15 -19.48 21.69
C VAL B 207 5.26 -19.42 23.22
N GLY B 208 6.42 -18.96 23.72
CA GLY B 208 6.64 -18.82 25.16
C GLY B 208 7.39 -19.99 25.80
N MET B 209 7.64 -21.03 25.02
CA MET B 209 8.47 -22.17 25.43
C MET B 209 9.29 -22.61 24.22
N PRO B 210 10.46 -23.25 24.43
CA PRO B 210 11.19 -23.75 23.26
C PRO B 210 10.48 -24.93 22.57
N PRO B 211 10.76 -25.14 21.27
CA PRO B 211 10.01 -26.11 20.45
C PRO B 211 10.15 -27.59 20.87
N PHE B 212 11.25 -27.96 21.50
CA PHE B 212 11.53 -29.36 21.77
C PHE B 212 11.58 -29.70 23.26
N ASP B 213 10.99 -28.83 24.08
CA ASP B 213 10.88 -29.05 25.53
C ASP B 213 10.21 -30.40 25.83
N SER B 214 10.81 -31.15 26.75
CA SER B 214 10.29 -32.44 27.16
C SER B 214 10.74 -32.75 28.59
N PRO B 215 10.09 -33.72 29.25
CA PRO B 215 10.50 -34.12 30.60
C PRO B 215 11.92 -34.69 30.64
N SER B 216 12.25 -35.55 29.68
CA SER B 216 13.52 -36.26 29.70
C SER B 216 14.49 -35.72 28.67
N HIS B 217 15.78 -35.82 28.97
CA HIS B 217 16.82 -35.47 28.02
C HIS B 217 16.74 -36.30 26.74
N THR B 218 16.53 -37.60 26.91
CA THR B 218 16.48 -38.52 25.76
C THR B 218 15.39 -38.09 24.77
N GLU B 219 14.25 -37.65 25.28
CA GLU B 219 13.15 -37.18 24.44
C GLU B 219 13.52 -35.86 23.75
N THR B 220 14.13 -34.94 24.50
CA THR B 220 14.56 -33.65 23.92
C THR B 220 15.55 -33.91 22.78
N HIS B 221 16.56 -34.73 23.06
CA HIS B 221 17.52 -35.16 22.04
C HIS B 221 16.81 -35.73 20.80
N ARG B 222 15.92 -36.70 21.02
CA ARG B 222 15.12 -37.31 19.94
C ARG B 222 14.35 -36.26 19.13
N ARG B 223 13.73 -35.30 19.81
CA ARG B 223 12.90 -34.31 19.11
C ARG B 223 13.74 -33.35 18.28
N ILE B 224 14.92 -32.98 18.79
CA ILE B 224 15.84 -32.10 18.05
C ILE B 224 16.35 -32.78 16.78
N VAL B 225 16.89 -34.00 16.91
CA VAL B 225 17.47 -34.70 15.77
C VAL B 225 16.42 -35.11 14.71
N ASN B 226 15.16 -35.29 15.15
CA ASN B 226 14.06 -35.59 14.22
C ASN B 226 13.22 -34.37 13.86
N VAL B 227 13.67 -33.17 14.28
CA VAL B 227 12.97 -31.90 14.06
C VAL B 227 11.46 -32.07 14.29
N ASP B 228 11.12 -32.54 15.48
CA ASP B 228 9.75 -32.88 15.82
C ASP B 228 8.95 -31.64 16.24
N LEU B 229 8.65 -30.77 15.27
CA LEU B 229 7.88 -29.55 15.54
C LEU B 229 6.40 -29.80 15.80
N LYS B 230 5.88 -29.16 16.85
CA LYS B 230 4.45 -29.20 17.19
C LYS B 230 3.98 -27.77 17.35
N PHE B 231 3.78 -27.09 16.22
CA PHE B 231 3.40 -25.67 16.22
C PHE B 231 2.03 -25.51 16.88
N PRO B 232 1.91 -24.62 17.88
CA PRO B 232 0.59 -24.35 18.45
C PRO B 232 -0.36 -23.71 17.43
N PRO B 233 -1.67 -24.00 17.53
CA PRO B 233 -2.67 -23.43 16.63
C PRO B 233 -2.75 -21.90 16.59
N PHE B 234 -2.21 -21.22 17.60
CA PHE B 234 -2.30 -19.76 17.65
C PHE B 234 -1.28 -19.01 16.79
N LEU B 235 -0.33 -19.72 16.21
CA LEU B 235 0.69 -19.09 15.35
C LEU B 235 0.15 -18.80 13.97
N SER B 236 0.59 -17.67 13.41
CA SER B 236 0.26 -17.30 12.03
C SER B 236 0.95 -18.19 11.00
N ASP B 237 0.36 -18.24 9.80
CA ASP B 237 0.98 -18.95 8.69
C ASP B 237 2.38 -18.38 8.41
N GLY B 238 2.50 -17.06 8.45
CA GLY B 238 3.76 -16.35 8.19
C GLY B 238 4.90 -16.74 9.12
N SER B 239 4.62 -16.74 10.43
CA SER B 239 5.62 -17.11 11.42
C SER B 239 6.04 -18.59 11.30
N LYS B 240 5.08 -19.48 11.08
CA LYS B 240 5.39 -20.90 10.92
C LYS B 240 6.23 -21.11 9.66
N ASP B 241 5.94 -20.37 8.60
CA ASP B 241 6.75 -20.45 7.39
C ASP B 241 8.21 -20.14 7.70
N LEU B 242 8.45 -19.02 8.40
CA LEU B 242 9.83 -18.60 8.70
C LEU B 242 10.54 -19.65 9.57
N ILE B 243 9.87 -20.08 10.63
CA ILE B 243 10.48 -21.05 11.56
C ILE B 243 10.77 -22.38 10.85
N SER B 244 9.81 -22.83 10.03
N SER B 244 9.81 -22.83 10.04
CA SER B 244 9.98 -24.09 9.29
CA SER B 244 9.96 -24.08 9.29
C SER B 244 11.09 -24.05 8.26
C SER B 244 11.15 -24.04 8.34
N LYS B 245 11.48 -22.83 7.85
CA LYS B 245 12.58 -22.66 6.90
C LYS B 245 13.95 -22.52 7.57
N LEU B 246 13.96 -22.14 8.84
CA LEU B 246 15.20 -22.06 9.63
C LEU B 246 15.56 -23.37 10.31
N LEU B 247 14.55 -24.08 10.81
CA LEU B 247 14.75 -25.28 11.56
C LEU B 247 14.83 -26.52 10.65
N ARG B 248 15.90 -26.57 9.85
CA ARG B 248 16.18 -27.70 8.96
C ARG B 248 17.31 -28.55 9.52
N TYR B 249 17.13 -29.87 9.48
CA TYR B 249 18.17 -30.76 9.94
C TYR B 249 19.49 -30.55 9.15
N HIS B 250 19.38 -30.52 7.83
CA HIS B 250 20.53 -30.41 6.94
C HIS B 250 20.93 -28.94 6.90
N PRO B 251 22.10 -28.60 7.48
CA PRO B 251 22.44 -27.18 7.58
C PRO B 251 22.35 -26.31 6.31
N PRO B 252 22.86 -26.79 5.13
CA PRO B 252 22.79 -25.93 3.92
C PRO B 252 21.38 -25.57 3.45
N GLN B 253 20.38 -26.30 3.91
CA GLN B 253 18.98 -26.02 3.57
C GLN B 253 18.41 -24.83 4.34
N ARG B 254 19.07 -24.43 5.42
CA ARG B 254 18.53 -23.40 6.30
C ARG B 254 18.44 -22.07 5.57
N LEU B 255 17.34 -21.35 5.78
CA LEU B 255 17.16 -20.04 5.18
C LEU B 255 18.31 -19.09 5.56
N PRO B 256 19.01 -18.52 4.56
CA PRO B 256 20.05 -17.54 4.92
C PRO B 256 19.54 -16.33 5.70
N LEU B 257 20.44 -15.70 6.44
CA LEU B 257 20.11 -14.49 7.20
C LEU B 257 19.51 -13.38 6.34
N LYS B 258 20.04 -13.19 5.13
CA LYS B 258 19.43 -12.27 4.17
C LYS B 258 17.97 -12.63 3.88
N GLY B 259 17.69 -13.94 3.77
CA GLY B 259 16.33 -14.41 3.53
C GLY B 259 15.41 -14.17 4.71
N VAL B 260 15.97 -14.18 5.92
CA VAL B 260 15.22 -13.84 7.12
C VAL B 260 14.79 -12.38 7.06
N MET B 261 15.77 -11.50 6.81
CA MET B 261 15.50 -10.07 6.80
C MET B 261 14.48 -9.69 5.72
N GLU B 262 14.46 -10.47 4.64
CA GLU B 262 13.56 -10.22 3.50
C GLU B 262 12.31 -11.10 3.49
N HIS B 263 12.16 -11.98 4.49
CA HIS B 263 10.98 -12.85 4.60
C HIS B 263 9.70 -12.00 4.69
N PRO B 264 8.65 -12.33 3.90
CA PRO B 264 7.42 -11.50 3.90
C PRO B 264 6.83 -11.22 5.29
N TRP B 265 6.91 -12.20 6.20
CA TRP B 265 6.41 -12.02 7.56
C TRP B 265 7.25 -11.01 8.34
N VAL B 266 8.57 -11.06 8.17
CA VAL B 266 9.45 -10.07 8.80
C VAL B 266 9.21 -8.68 8.22
N LYS B 267 9.17 -8.59 6.90
CA LYS B 267 8.87 -7.32 6.22
C LYS B 267 7.55 -6.66 6.65
N ALA B 268 6.49 -7.45 6.76
CA ALA B 268 5.18 -6.93 7.09
C ALA B 268 5.03 -6.50 8.56
N ASN B 269 5.81 -7.11 9.44
CA ASN B 269 5.58 -6.96 10.88
C ASN B 269 6.67 -6.23 11.66
N SER B 270 7.88 -6.15 11.10
CA SER B 270 8.98 -5.46 11.79
C SER B 270 8.70 -3.96 11.91
N ARG B 271 8.97 -3.44 13.11
CA ARG B 271 8.91 -2.00 13.38
C ARG B 271 10.27 -1.51 13.88
N ARG B 272 11.32 -2.01 13.25
CA ARG B 272 12.70 -1.75 13.68
C ARG B 272 13.07 -0.27 13.55
N VAL B 273 13.76 0.24 14.57
CA VAL B 273 14.30 1.60 14.57
C VAL B 273 15.81 1.55 14.75
N LEU B 274 16.54 2.26 13.90
CA LEU B 274 17.98 2.40 14.07
C LEU B 274 18.26 3.50 15.08
N PRO B 275 19.22 3.29 16.00
CA PRO B 275 19.60 4.33 16.95
C PRO B 275 20.06 5.60 16.24
N PRO B 276 19.72 6.77 16.77
CA PRO B 276 20.21 8.03 16.22
C PRO B 276 21.72 8.04 16.20
N VAL B 277 22.28 8.75 15.23
CA VAL B 277 23.72 8.83 15.14
C VAL B 277 24.24 10.20 15.63
N TYR B 278 25.53 10.24 15.94
CA TYR B 278 26.38 11.46 16.04
C TYR B 278 26.88 11.82 17.43
N ILE C 1 22.95 5.18 45.11
CA ILE C 1 23.32 6.30 46.01
C ILE C 1 23.65 7.59 45.24
N PRO C 2 24.68 7.58 44.34
CA PRO C 2 25.04 8.84 43.69
C PRO C 2 23.88 9.43 42.89
N ALA C 3 23.69 10.75 42.97
CA ALA C 3 22.52 11.41 42.39
C ALA C 3 22.30 11.12 40.90
N TRP C 4 23.39 11.12 40.13
CA TRP C 4 23.31 10.90 38.68
C TRP C 4 22.75 9.52 38.34
N ALA C 5 22.89 8.58 39.29
CA ALA C 5 22.39 7.21 39.14
C ALA C 5 21.01 7.00 39.74
N SER C 6 20.48 8.00 40.45
CA SER C 6 19.11 7.91 40.99
C SER C 6 18.11 7.79 39.85
N GLY C 7 17.13 6.90 40.02
CA GLY C 7 16.15 6.57 38.97
C GLY C 7 15.74 7.71 38.06
N ASN C 8 15.20 8.77 38.64
CA ASN C 8 14.63 9.89 37.86
C ASN C 8 15.67 10.71 37.08
N LEU C 9 16.86 10.88 37.67
CA LEU C 9 17.93 11.58 36.95
C LEU C 9 18.52 10.68 35.87
N LEU C 10 18.65 9.39 36.19
CA LEU C 10 19.22 8.41 35.26
C LEU C 10 18.38 8.34 33.97
N THR C 11 17.06 8.23 34.12
CA THR C 11 16.14 8.13 32.98
C THR C 11 16.32 9.28 31.98
N GLN C 12 16.41 10.51 32.49
CA GLN C 12 16.55 11.67 31.64
C GLN C 12 17.92 11.70 30.97
N ALA C 13 18.95 11.30 31.71
CA ALA C 13 20.32 11.24 31.18
C ALA C 13 20.46 10.18 30.07
N ILE C 14 19.85 9.03 30.28
CA ILE C 14 19.83 7.95 29.28
C ILE C 14 19.11 8.42 28.00
N ARG C 15 17.98 9.10 28.18
CA ARG C 15 17.23 9.63 27.05
C ARG C 15 18.07 10.59 26.20
N GLN C 16 18.71 11.58 26.83
CA GLN C 16 19.55 12.56 26.14
C GLN C 16 20.72 11.90 25.41
N GLN C 17 21.28 10.88 26.07
CA GLN C 17 22.41 10.12 25.53
C GLN C 17 21.99 9.32 24.28
N TYR C 18 20.73 8.89 24.24
CA TYR C 18 20.19 8.18 23.08
C TYR C 18 20.00 9.12 21.89
N TYR C 19 19.42 10.30 22.14
CA TYR C 19 19.15 11.26 21.07
C TYR C 19 20.37 12.08 20.63
N LYS C 20 21.30 12.31 21.56
CA LYS C 20 22.51 13.07 21.28
C LYS C 20 23.76 12.25 21.63
N PRO C 21 24.03 11.18 20.85
CA PRO C 21 25.19 10.35 21.17
C PRO C 21 26.51 11.04 20.84
N ILE C 22 27.59 10.66 21.52
CA ILE C 22 28.92 11.13 21.13
C ILE C 22 29.57 10.08 20.24
N ASP C 23 30.64 10.46 19.55
CA ASP C 23 31.40 9.52 18.72
C ASP C 23 32.25 8.65 19.63
N VAL C 24 31.68 7.50 20.00
CA VAL C 24 32.35 6.54 20.88
C VAL C 24 33.56 5.89 20.22
N ASP C 25 33.55 5.84 18.88
CA ASP C 25 34.68 5.32 18.12
C ASP C 25 35.91 6.20 18.34
N ARG C 26 35.69 7.51 18.32
N ARG C 26 35.73 7.52 18.34
CA ARG C 26 36.74 8.51 18.50
CA ARG C 26 36.87 8.40 18.53
C ARG C 26 37.14 8.57 19.97
C ARG C 26 37.18 8.70 20.00
N MET C 27 36.14 8.75 20.84
CA MET C 27 36.36 8.98 22.27
C MET C 27 36.93 7.77 23.00
N TYR C 28 36.45 6.57 22.65
CA TYR C 28 36.88 5.35 23.34
C TYR C 28 37.65 4.37 22.46
N GLY C 29 37.22 4.23 21.21
CA GLY C 29 37.81 3.28 20.28
C GLY C 29 39.25 3.57 19.85
N THR C 30 39.64 4.84 19.86
CA THR C 30 41.00 5.24 19.48
C THR C 30 41.99 5.17 20.64
N ILE C 31 41.48 5.01 21.86
CA ILE C 31 42.33 4.92 23.05
C ILE C 31 43.03 3.57 23.16
N ASP C 32 44.30 3.60 23.54
CA ASP C 32 45.11 2.40 23.68
C ASP C 32 44.54 1.43 24.72
N SER C 33 44.79 0.15 24.49
CA SER C 33 44.33 -0.92 25.37
C SER C 33 45.54 -1.75 25.79
N PRO C 34 45.49 -2.40 26.96
CA PRO C 34 46.58 -3.31 27.32
C PRO C 34 46.63 -4.50 26.36
N LYS C 35 47.83 -5.01 26.10
CA LYS C 35 47.95 -6.24 25.30
C LYS C 35 47.30 -7.38 26.08
N LEU C 36 46.59 -8.24 25.36
CA LEU C 36 45.86 -9.36 25.98
C LEU C 36 46.81 -10.28 26.76
N GLU C 37 48.05 -10.40 26.28
CA GLU C 37 49.09 -11.16 26.98
C GLU C 37 49.35 -10.61 28.38
N GLU C 38 49.32 -9.28 28.51
CA GLU C 38 49.61 -8.58 29.76
C GLU C 38 48.52 -8.78 30.81
N LEU C 39 47.32 -9.14 30.36
CA LEU C 39 46.17 -9.33 31.24
C LEU C 39 46.32 -10.51 32.19
N PHE C 40 46.94 -11.59 31.70
CA PHE C 40 47.13 -12.80 32.49
C PHE C 40 48.61 -13.19 32.55
N ILE D 1 -51.75 2.92 -13.09
CA ILE D 1 -50.51 3.60 -12.60
C ILE D 1 -50.51 3.64 -11.06
N PRO D 2 -49.58 2.89 -10.44
CA PRO D 2 -49.44 2.83 -8.98
C PRO D 2 -49.19 4.22 -8.36
N ALA D 3 -49.48 4.34 -7.07
CA ALA D 3 -49.37 5.62 -6.37
C ALA D 3 -47.93 6.17 -6.37
N TRP D 4 -46.97 5.27 -6.15
CA TRP D 4 -45.55 5.65 -6.05
C TRP D 4 -45.00 6.28 -7.33
N ALA D 5 -45.64 6.00 -8.46
CA ALA D 5 -45.12 6.40 -9.77
C ALA D 5 -45.73 7.68 -10.35
N SER D 6 -46.41 8.45 -9.51
CA SER D 6 -47.06 9.68 -9.97
C SER D 6 -47.15 10.74 -8.87
N GLY D 7 -47.17 12.00 -9.30
CA GLY D 7 -47.45 13.14 -8.41
C GLY D 7 -46.42 13.41 -7.34
N ASN D 8 -46.91 13.66 -6.13
CA ASN D 8 -46.06 14.03 -5.00
C ASN D 8 -45.21 12.90 -4.46
N LEU D 9 -45.77 11.69 -4.44
CA LEU D 9 -45.06 10.50 -3.94
C LEU D 9 -43.82 10.19 -4.76
N LEU D 10 -43.92 10.39 -6.07
CA LEU D 10 -42.79 10.21 -6.97
C LEU D 10 -41.73 11.30 -6.75
N THR D 11 -42.16 12.56 -6.78
CA THR D 11 -41.27 13.70 -6.54
C THR D 11 -40.47 13.50 -5.24
N GLN D 12 -41.18 13.16 -4.16
CA GLN D 12 -40.55 12.90 -2.86
C GLN D 12 -39.49 11.79 -2.92
N ALA D 13 -39.84 10.68 -3.56
CA ALA D 13 -38.92 9.54 -3.68
C ALA D 13 -37.68 9.89 -4.48
N ILE D 14 -37.87 10.68 -5.54
CA ILE D 14 -36.78 11.12 -6.42
C ILE D 14 -35.83 12.06 -5.67
N ARG D 15 -36.40 13.05 -4.97
CA ARG D 15 -35.61 13.96 -4.15
C ARG D 15 -34.80 13.20 -3.11
N GLN D 16 -35.45 12.27 -2.42
CA GLN D 16 -34.80 11.45 -1.40
C GLN D 16 -33.66 10.61 -1.96
N GLN D 17 -33.82 10.14 -3.20
CA GLN D 17 -32.80 9.36 -3.86
C GLN D 17 -31.57 10.19 -4.26
N TYR D 18 -31.80 11.45 -4.64
CA TYR D 18 -30.72 12.36 -5.01
C TYR D 18 -29.85 12.70 -3.79
N TYR D 19 -30.50 13.03 -2.67
CA TYR D 19 -29.81 13.46 -1.45
C TYR D 19 -29.34 12.32 -0.56
N LYS D 20 -29.93 11.15 -0.72
CA LYS D 20 -29.47 9.94 -0.03
C LYS D 20 -29.16 8.83 -1.02
N PRO D 21 -28.03 8.97 -1.76
CA PRO D 21 -27.67 7.96 -2.76
C PRO D 21 -27.31 6.62 -2.12
N ILE D 22 -27.71 5.53 -2.77
CA ILE D 22 -27.41 4.20 -2.29
C ILE D 22 -26.10 3.70 -2.90
N ASP D 23 -25.46 2.70 -2.29
CA ASP D 23 -24.25 2.12 -2.84
C ASP D 23 -24.62 1.21 -4.02
N VAL D 24 -24.74 1.81 -5.21
CA VAL D 24 -25.15 1.08 -6.41
C VAL D 24 -24.08 0.08 -6.89
N ASP D 25 -22.81 0.39 -6.62
CA ASP D 25 -21.70 -0.48 -6.97
C ASP D 25 -21.79 -1.82 -6.23
N ARG D 26 -22.22 -1.75 -4.98
CA ARG D 26 -22.40 -2.93 -4.14
C ARG D 26 -23.77 -3.57 -4.34
N MET D 27 -24.81 -2.74 -4.40
CA MET D 27 -26.20 -3.20 -4.45
C MET D 27 -26.57 -3.81 -5.79
N TYR D 28 -25.93 -3.36 -6.86
CA TYR D 28 -26.24 -3.84 -8.20
C TYR D 28 -25.01 -4.28 -8.99
N GLY D 29 -23.89 -3.61 -8.76
CA GLY D 29 -22.65 -3.85 -9.51
C GLY D 29 -21.85 -5.06 -9.07
N THR D 30 -22.29 -5.72 -8.00
CA THR D 30 -21.63 -6.92 -7.49
C THR D 30 -22.44 -8.18 -7.83
N ILE D 31 -23.74 -7.99 -8.02
CA ILE D 31 -24.64 -9.07 -8.41
C ILE D 31 -24.29 -9.60 -9.80
N ASP D 32 -24.35 -10.92 -9.96
CA ASP D 32 -24.01 -11.58 -11.23
C ASP D 32 -24.86 -11.09 -12.39
N SER D 33 -24.21 -11.00 -13.56
CA SER D 33 -24.89 -10.64 -14.80
C SER D 33 -24.71 -11.77 -15.81
N PRO D 34 -25.70 -11.94 -16.72
CA PRO D 34 -25.52 -12.93 -17.78
C PRO D 34 -24.38 -12.51 -18.69
N LYS D 35 -23.59 -13.48 -19.14
CA LYS D 35 -22.52 -13.24 -20.10
C LYS D 35 -23.13 -12.67 -21.39
N LEU D 36 -22.47 -11.67 -21.98
CA LEU D 36 -22.98 -11.02 -23.19
C LEU D 36 -23.19 -12.01 -24.34
N GLU D 37 -22.41 -13.09 -24.33
CA GLU D 37 -22.53 -14.16 -25.31
C GLU D 37 -23.73 -15.08 -25.03
N GLU D 38 -24.30 -14.95 -23.83
CA GLU D 38 -25.47 -15.74 -23.42
C GLU D 38 -26.80 -15.03 -23.64
N LEU D 39 -26.75 -13.70 -23.79
CA LEU D 39 -27.96 -12.88 -23.87
C LEU D 39 -28.98 -13.32 -24.93
N PHE D 40 -28.49 -13.91 -26.01
CA PHE D 40 -29.38 -14.40 -27.07
C PHE D 40 -29.56 -15.93 -27.05
N ASN D 41 -29.14 -16.54 -25.94
CA ASN D 41 -29.33 -17.97 -25.71
C ASN D 41 -30.34 -18.25 -24.59
N LYS D 42 -30.31 -19.46 -24.04
CA LYS D 42 -31.25 -19.88 -23.00
C LYS D 42 -31.14 -19.06 -21.71
N SER D 43 -32.28 -18.88 -21.04
CA SER D 43 -32.36 -18.10 -19.81
C SER D 43 -32.60 -18.98 -18.59
#